data_3TS9
#
_entry.id   3TS9
#
_cell.length_a   23.878
_cell.length_b   57.618
_cell.length_c   90.332
_cell.angle_alpha   90.000
_cell.angle_beta   90.000
_cell.angle_gamma   90.000
#
_symmetry.space_group_name_H-M   'P 21 21 21'
#
loop_
_entity.id
_entity.type
_entity.pdbx_description
1 polymer 'Interferon-induced helicase C domain-containing protein 1'
2 non-polymer 'SULFATE ION'
3 water water
#
_entity_poly.entity_id   1
_entity_poly.type   'polypeptide(L)'
_entity_poly.pdbx_seq_one_letter_code
;GHMDTRENPFKEKLLEIMASIQTYCQKSPMSDFGTQHYEQWAIQMEKKAAKDGNRKDRVCAEHLRKYNEALQINDTIRMI
DAYSHLETFYTDEKEKKFAVLNDSKKSLKLDETDEFLMNLFFDNKKMLKKLAENPKYE
;
_entity_poly.pdbx_strand_id   A
#
# COMPACT_ATOMS: atom_id res chain seq x y z
N GLU A 7 13.44 16.31 -5.04
CA GLU A 7 12.25 15.49 -4.92
C GLU A 7 12.60 14.00 -4.86
N ASN A 8 12.74 13.51 -3.62
CA ASN A 8 13.10 12.11 -3.37
C ASN A 8 12.33 11.12 -4.25
N PRO A 9 13.08 10.35 -5.07
CA PRO A 9 12.47 9.36 -5.98
C PRO A 9 11.75 8.23 -5.24
N PHE A 10 12.20 7.88 -4.05
CA PHE A 10 11.56 6.82 -3.28
C PHE A 10 10.14 7.21 -2.88
N LYS A 11 9.99 8.42 -2.36
CA LYS A 11 8.69 8.94 -1.96
C LYS A 11 7.78 9.12 -3.18
N GLU A 12 8.35 9.60 -4.27
CA GLU A 12 7.59 9.80 -5.49
C GLU A 12 6.99 8.49 -6.00
N LYS A 13 7.76 7.41 -5.87
CA LYS A 13 7.30 6.10 -6.31
C LYS A 13 6.13 5.62 -5.46
N LEU A 14 6.19 5.86 -4.16
CA LEU A 14 5.12 5.48 -3.26
C LEU A 14 3.84 6.24 -3.58
N LEU A 15 3.98 7.53 -3.85
CA LEU A 15 2.83 8.37 -4.19
C LEU A 15 2.16 7.89 -5.47
N GLU A 16 2.98 7.57 -6.47
CA GLU A 16 2.47 7.09 -7.75
C GLU A 16 1.70 5.79 -7.58
N ILE A 17 2.20 4.91 -6.71
CA ILE A 17 1.55 3.63 -6.46
C ILE A 17 0.18 3.81 -5.79
N MET A 18 0.10 4.72 -4.83
CA MET A 18 -1.17 5.02 -4.17
C MET A 18 -2.18 5.57 -5.17
N ALA A 19 -1.72 6.44 -6.06
CA ALA A 19 -2.58 7.01 -7.10
C ALA A 19 -3.11 5.91 -8.02
N SER A 20 -2.27 4.92 -8.28
CA SER A 20 -2.66 3.78 -9.13
C SER A 20 -3.72 2.93 -8.44
N ILE A 21 -3.58 2.74 -7.13
CA ILE A 21 -4.56 1.97 -6.38
C ILE A 21 -5.89 2.71 -6.33
N GLN A 22 -5.83 4.03 -6.12
CA GLN A 22 -7.02 4.86 -6.10
C GLN A 22 -7.76 4.82 -7.44
N THR A 23 -7.00 4.68 -8.53
CA THR A 23 -7.59 4.55 -9.86
C THR A 23 -8.34 3.22 -9.96
N TYR A 24 -7.69 2.16 -9.51
CA TYR A 24 -8.26 0.82 -9.58
C TYR A 24 -9.60 0.73 -8.85
N CYS A 25 -9.68 1.33 -7.67
CA CYS A 25 -10.92 1.30 -6.88
C CYS A 25 -11.76 2.56 -7.05
N GLN A 26 -11.36 3.41 -7.99
CA GLN A 26 -12.12 4.61 -8.34
C GLN A 26 -12.43 5.51 -7.15
N LYS A 27 -11.41 5.81 -6.36
CA LYS A 27 -11.52 6.75 -5.25
C LYS A 27 -10.67 7.98 -5.52
N SER A 28 -11.06 9.12 -4.97
CA SER A 28 -10.33 10.37 -5.17
C SER A 28 -10.55 11.33 -4.01
N PRO A 29 -10.07 10.95 -2.81
CA PRO A 29 -10.25 11.77 -1.61
C PRO A 29 -9.43 13.05 -1.71
N MET A 30 -9.85 14.07 -0.95
CA MET A 30 -9.15 15.35 -0.96
C MET A 30 -7.91 15.35 -0.06
N SER A 31 -7.87 14.40 0.87
CA SER A 31 -6.74 14.29 1.78
C SER A 31 -5.44 14.00 1.05
N ASP A 32 -4.37 14.64 1.49
CA ASP A 32 -3.04 14.45 0.90
C ASP A 32 -2.48 13.09 1.28
N PHE A 33 -1.81 12.44 0.33
CA PHE A 33 -1.10 11.20 0.59
C PHE A 33 -0.11 11.41 1.74
N GLY A 34 0.01 10.42 2.61
CA GLY A 34 1.00 10.45 3.67
C GLY A 34 0.67 11.35 4.85
N THR A 35 -0.61 11.52 5.12
CA THR A 35 -1.05 12.35 6.23
C THR A 35 -1.99 11.56 7.15
N GLN A 36 -2.19 12.08 8.37
CA GLN A 36 -3.11 11.47 9.31
C GLN A 36 -4.54 11.54 8.78
N HIS A 37 -4.86 12.65 8.12
CA HIS A 37 -6.19 12.82 7.54
C HIS A 37 -6.46 11.80 6.45
N TYR A 38 -5.43 11.42 5.71
CA TYR A 38 -5.59 10.37 4.69
C TYR A 38 -5.83 9.03 5.37
N GLU A 39 -5.11 8.78 6.46
CA GLU A 39 -5.28 7.55 7.22
C GLU A 39 -6.73 7.43 7.66
N GLN A 40 -7.28 8.53 8.15
CA GLN A 40 -8.66 8.56 8.62
C GLN A 40 -9.66 8.31 7.49
N TRP A 41 -9.42 8.91 6.32
CA TRP A 41 -10.26 8.66 5.17
C TRP A 41 -10.29 7.18 4.83
N ALA A 42 -9.11 6.57 4.79
CA ALA A 42 -8.98 5.16 4.42
C ALA A 42 -9.65 4.25 5.42
N ILE A 43 -9.62 4.62 6.70
CA ILE A 43 -10.27 3.84 7.75
C ILE A 43 -11.78 3.87 7.58
N GLN A 44 -12.33 5.06 7.35
CA GLN A 44 -13.77 5.21 7.12
C GLN A 44 -14.19 4.38 5.91
N MET A 45 -13.40 4.48 4.84
CA MET A 45 -13.72 3.79 3.60
C MET A 45 -13.64 2.28 3.79
N GLU A 46 -12.60 1.83 4.49
CA GLU A 46 -12.47 0.41 4.80
C GLU A 46 -13.67 -0.07 5.61
N LYS A 47 -14.09 0.77 6.56
CA LYS A 47 -15.21 0.45 7.45
C LYS A 47 -16.54 0.40 6.70
N LYS A 48 -16.77 1.37 5.83
CA LYS A 48 -18.00 1.38 5.02
C LYS A 48 -18.03 0.20 4.06
N ALA A 49 -16.87 -0.13 3.52
CA ALA A 49 -16.76 -1.23 2.57
C ALA A 49 -17.10 -2.58 3.22
N ALA A 50 -16.53 -2.83 4.40
CA ALA A 50 -16.80 -4.04 5.14
C ALA A 50 -18.29 -4.12 5.49
N LYS A 51 -18.86 -2.98 5.81
CA LYS A 51 -20.27 -2.88 6.19
C LYS A 51 -21.18 -3.15 4.99
N ASP A 52 -20.69 -2.83 3.79
CA ASP A 52 -21.50 -2.95 2.58
C ASP A 52 -21.15 -4.19 1.75
N GLY A 53 -20.23 -5.00 2.25
CA GLY A 53 -19.84 -6.23 1.57
C GLY A 53 -19.09 -5.99 0.28
N ASN A 54 -18.44 -4.83 0.19
CA ASN A 54 -17.65 -4.49 -0.99
C ASN A 54 -16.18 -4.85 -0.77
N ARG A 55 -15.80 -6.05 -1.19
CA ARG A 55 -14.46 -6.55 -0.89
C ARG A 55 -13.36 -5.75 -1.56
N LYS A 56 -13.57 -5.37 -2.82
CA LYS A 56 -12.59 -4.60 -3.55
C LYS A 56 -12.22 -3.32 -2.80
N ASP A 57 -13.22 -2.53 -2.45
CA ASP A 57 -13.01 -1.29 -1.71
C ASP A 57 -12.35 -1.54 -0.36
N ARG A 58 -12.79 -2.57 0.34
CA ARG A 58 -12.25 -2.87 1.66
C ARG A 58 -10.77 -3.21 1.61
N VAL A 59 -10.40 -4.12 0.72
CA VAL A 59 -9.00 -4.56 0.62
C VAL A 59 -8.11 -3.44 0.09
N CYS A 60 -8.63 -2.64 -0.83
CA CYS A 60 -7.89 -1.50 -1.36
C CYS A 60 -7.59 -0.48 -0.26
N ALA A 61 -8.58 -0.22 0.59
CA ALA A 61 -8.41 0.71 1.71
C ALA A 61 -7.31 0.22 2.65
N GLU A 62 -7.34 -1.06 2.95
CA GLU A 62 -6.35 -1.71 3.81
C GLU A 62 -4.94 -1.52 3.26
N HIS A 63 -4.78 -1.70 1.95
CA HIS A 63 -3.47 -1.56 1.32
C HIS A 63 -3.03 -0.10 1.24
N LEU A 64 -3.98 0.79 0.95
CA LEU A 64 -3.68 2.22 0.90
C LEU A 64 -3.21 2.73 2.27
N ARG A 65 -3.78 2.18 3.34
CA ARG A 65 -3.35 2.52 4.69
C ARG A 65 -1.87 2.20 4.88
N LYS A 66 -1.45 1.03 4.40
CA LYS A 66 -0.07 0.57 4.55
C LYS A 66 0.91 1.47 3.81
N TYR A 67 0.53 1.90 2.61
CA TYR A 67 1.35 2.84 1.85
C TYR A 67 1.39 4.20 2.54
N ASN A 68 0.24 4.64 3.04
CA ASN A 68 0.16 5.91 3.75
C ASN A 68 1.06 5.89 4.98
N GLU A 69 1.02 4.79 5.72
CA GLU A 69 1.85 4.63 6.91
C GLU A 69 3.34 4.63 6.55
N ALA A 70 3.67 4.05 5.41
CA ALA A 70 5.06 4.00 4.94
C ALA A 70 5.58 5.40 4.63
N LEU A 71 4.72 6.24 4.09
CA LEU A 71 5.09 7.63 3.81
C LEU A 71 5.30 8.40 5.10
N GLN A 72 4.48 8.11 6.10
CA GLN A 72 4.61 8.73 7.42
C GLN A 72 5.91 8.28 8.09
N ILE A 73 6.22 6.99 7.94
CA ILE A 73 7.44 6.43 8.51
C ILE A 73 8.68 7.00 7.83
N ASN A 74 8.58 7.23 6.52
CA ASN A 74 9.67 7.84 5.77
C ASN A 74 9.99 9.25 6.26
N ASP A 75 8.96 9.99 6.63
CA ASP A 75 9.11 11.37 7.11
C ASP A 75 9.75 11.42 8.49
N THR A 76 9.39 10.47 9.35
CA THR A 76 9.78 10.53 10.75
C THR A 76 10.97 9.65 11.12
N ILE A 77 11.20 8.59 10.34
CA ILE A 77 12.38 7.76 10.54
C ILE A 77 13.25 7.73 9.28
N ARG A 78 13.32 6.57 8.64
CA ARG A 78 14.18 6.39 7.49
C ARG A 78 13.41 5.79 6.31
N MET A 79 14.01 5.85 5.13
CA MET A 79 13.42 5.22 3.95
C MET A 79 13.30 3.72 4.14
N ILE A 80 14.34 3.11 4.70
CA ILE A 80 14.43 1.66 4.80
C ILE A 80 13.39 1.08 5.76
N ASP A 81 12.99 1.85 6.77
CA ASP A 81 11.91 1.44 7.66
C ASP A 81 10.59 1.49 6.91
N ALA A 82 10.48 2.46 6.00
CA ALA A 82 9.28 2.64 5.20
C ALA A 82 9.13 1.48 4.21
N TYR A 83 10.23 1.15 3.55
CA TYR A 83 10.25 0.02 2.63
C TYR A 83 9.89 -1.27 3.36
N SER A 84 10.56 -1.49 4.49
CA SER A 84 10.38 -2.69 5.29
C SER A 84 8.94 -2.84 5.77
N HIS A 85 8.29 -1.72 6.05
CA HIS A 85 6.89 -1.72 6.48
C HIS A 85 6.01 -2.34 5.41
N LEU A 86 6.32 -2.04 4.15
CA LEU A 86 5.56 -2.55 3.02
C LEU A 86 5.96 -3.98 2.68
N GLU A 87 7.25 -4.25 2.65
CA GLU A 87 7.76 -5.57 2.32
C GLU A 87 7.22 -6.62 3.29
N THR A 88 7.20 -6.27 4.58
CA THR A 88 6.68 -7.15 5.61
C THR A 88 5.20 -7.44 5.40
N PHE A 89 4.43 -6.37 5.13
CA PHE A 89 3.01 -6.51 4.89
C PHE A 89 2.72 -7.42 3.70
N TYR A 90 3.42 -7.20 2.59
CA TYR A 90 3.18 -7.96 1.38
C TYR A 90 3.73 -9.38 1.44
N THR A 91 4.82 -9.57 2.17
CA THR A 91 5.34 -10.91 2.39
C THR A 91 4.34 -11.69 3.23
N ASP A 92 3.74 -11.03 4.21
CA ASP A 92 2.76 -11.67 5.08
C ASP A 92 1.45 -11.98 4.34
N GLU A 93 0.96 -11.02 3.56
CA GLU A 93 -0.22 -11.25 2.74
C GLU A 93 -0.02 -12.46 1.83
N LYS A 94 1.18 -12.55 1.25
CA LYS A 94 1.53 -13.67 0.39
C LYS A 94 1.50 -14.97 1.18
N GLU A 95 2.09 -14.94 2.36
CA GLU A 95 2.10 -16.11 3.25
C GLU A 95 0.68 -16.52 3.60
N LYS A 96 -0.16 -15.55 3.96
CA LYS A 96 -1.55 -15.83 4.26
C LYS A 96 -2.25 -16.52 3.09
N LYS A 97 -2.14 -15.92 1.91
CA LYS A 97 -2.81 -16.43 0.72
C LYS A 97 -2.42 -17.85 0.33
N PHE A 98 -1.11 -18.15 0.33
CA PHE A 98 -0.63 -19.40 -0.25
C PHE A 98 -0.12 -20.47 0.72
N ALA A 99 0.04 -20.12 1.99
CA ALA A 99 0.63 -21.05 2.96
C ALA A 99 -0.18 -22.32 3.20
N VAL A 100 -1.50 -22.18 3.29
CA VAL A 100 -2.36 -23.32 3.55
C VAL A 100 -3.49 -23.41 2.53
N LEU A 101 -3.65 -24.59 1.93
CA LEU A 101 -4.59 -24.75 0.83
C LEU A 101 -5.67 -25.80 1.11
N ASN A 102 -6.84 -25.33 1.56
CA ASN A 102 -7.97 -26.22 1.78
C ASN A 102 -8.85 -26.35 0.54
N SER A 107 -7.69 -19.06 -8.55
CA SER A 107 -8.29 -18.38 -7.41
C SER A 107 -8.58 -19.34 -6.27
N LEU A 108 -8.30 -18.89 -5.05
CA LEU A 108 -8.71 -19.56 -3.85
C LEU A 108 -9.10 -18.44 -2.89
N LYS A 109 -8.12 -17.62 -2.55
CA LYS A 109 -8.36 -16.37 -1.85
C LYS A 109 -7.84 -15.24 -2.73
N LEU A 110 -7.29 -15.61 -3.89
CA LEU A 110 -6.70 -14.64 -4.79
C LEU A 110 -7.68 -14.26 -5.90
N ASP A 111 -8.31 -13.09 -5.76
CA ASP A 111 -9.17 -12.56 -6.81
C ASP A 111 -8.43 -11.47 -7.58
N GLU A 112 -9.15 -10.80 -8.47
CA GLU A 112 -8.53 -9.79 -9.33
C GLU A 112 -7.96 -8.60 -8.54
N THR A 113 -8.61 -8.26 -7.44
CA THR A 113 -8.12 -7.17 -6.58
C THR A 113 -6.80 -7.55 -5.93
N ASP A 114 -6.75 -8.75 -5.35
CA ASP A 114 -5.55 -9.25 -4.68
C ASP A 114 -4.37 -9.35 -5.64
N GLU A 115 -4.62 -9.87 -6.84
CA GLU A 115 -3.56 -10.03 -7.83
C GLU A 115 -3.06 -8.67 -8.33
N PHE A 116 -3.98 -7.73 -8.53
CA PHE A 116 -3.60 -6.39 -8.94
C PHE A 116 -2.67 -5.73 -7.91
N LEU A 117 -3.05 -5.82 -6.64
CA LEU A 117 -2.30 -5.16 -5.56
C LEU A 117 -0.93 -5.79 -5.31
N MET A 118 -0.89 -7.11 -5.27
CA MET A 118 0.37 -7.81 -5.02
C MET A 118 1.35 -7.62 -6.17
N ASN A 119 0.85 -7.70 -7.40
CA ASN A 119 1.67 -7.44 -8.57
C ASN A 119 2.17 -6.00 -8.61
N LEU A 120 1.34 -5.08 -8.15
CA LEU A 120 1.70 -3.68 -8.10
C LEU A 120 2.93 -3.47 -7.20
N PHE A 121 2.92 -4.09 -6.02
CA PHE A 121 4.06 -3.98 -5.12
C PHE A 121 5.28 -4.73 -5.64
N PHE A 122 5.10 -6.00 -5.98
CA PHE A 122 6.23 -6.84 -6.36
C PHE A 122 6.87 -6.44 -7.69
N ASP A 123 6.12 -5.74 -8.53
CA ASP A 123 6.68 -5.20 -9.77
C ASP A 123 7.58 -4.01 -9.48
N ASN A 124 7.35 -3.34 -8.35
CA ASN A 124 8.12 -2.16 -7.98
C ASN A 124 9.11 -2.43 -6.84
N LYS A 125 9.02 -3.64 -6.27
CA LYS A 125 9.79 -4.00 -5.09
C LYS A 125 11.29 -3.75 -5.24
N LYS A 126 11.88 -4.27 -6.31
CA LYS A 126 13.31 -4.13 -6.56
C LYS A 126 13.72 -2.66 -6.65
N MET A 127 12.95 -1.87 -7.38
CA MET A 127 13.22 -0.46 -7.57
C MET A 127 13.14 0.30 -6.25
N LEU A 128 12.08 0.05 -5.48
CA LEU A 128 11.91 0.68 -4.19
C LEU A 128 13.07 0.41 -3.24
N LYS A 129 13.54 -0.84 -3.19
CA LYS A 129 14.63 -1.19 -2.31
C LYS A 129 15.93 -0.51 -2.73
N LYS A 130 16.15 -0.39 -4.03
CA LYS A 130 17.33 0.30 -4.54
C LYS A 130 17.34 1.74 -4.07
N LEU A 131 16.20 2.41 -4.18
CA LEU A 131 16.08 3.81 -3.79
C LEU A 131 16.23 3.98 -2.28
N ALA A 132 15.57 3.11 -1.53
CA ALA A 132 15.60 3.18 -0.07
C ALA A 132 16.99 2.89 0.49
N GLU A 133 17.81 2.15 -0.26
CA GLU A 133 19.15 1.80 0.17
C GLU A 133 20.17 2.90 -0.13
N ASN A 134 19.73 3.91 -0.87
CA ASN A 134 20.62 4.98 -1.31
C ASN A 134 20.76 6.12 -0.29
N PRO A 135 21.93 6.24 0.34
CA PRO A 135 22.22 7.27 1.34
C PRO A 135 21.91 8.68 0.86
N LYS A 136 21.92 8.89 -0.45
CA LYS A 136 21.75 10.24 -1.01
C LYS A 136 20.38 10.87 -0.76
N TYR A 137 19.34 10.04 -0.72
CA TYR A 137 17.97 10.55 -0.60
C TYR A 137 17.44 10.45 0.83
N GLU A 138 18.27 10.00 1.75
CA GLU A 138 17.84 9.79 3.13
C GLU A 138 17.60 11.11 3.86
#